data_1XUV
#
_entry.id   1XUV
#
_cell.length_a   103.829
_cell.length_b   59.941
_cell.length_c   95.395
_cell.angle_alpha   90.00
_cell.angle_beta   90.00
_cell.angle_gamma   90.00
#
_symmetry.space_group_name_H-M   'C 1 2 1'
#
loop_
_entity.id
_entity.type
_entity.pdbx_description
1 polymer 'hypothetical protein MM0500'
2 water water
#
_entity_poly.entity_id   1
_entity_poly.type   'polypeptide(L)'
_entity_poly.pdbx_seq_one_letter_code
;MKGYGEMAKNNPTRITAEPGKQEIIITREFDAPRELVFKAFTDPDLYTQWIGPRGFTTALKIFEPKNGGSWQYIQKDPEG
NEYAFHGVNHDVTEPERIISTFEFEGLPEKGHVILDTARFEALPGDRTKLTSHSVFQTIEDRDG(MSE)LQSG(MSE)EE
GINDSYERLDELLEK(MSE)KKLEHHHHHH
;
_entity_poly.pdbx_strand_id   A,B,C
#
# COMPACT_ATOMS: atom_id res chain seq x y z
N ASN A 11 -7.78 14.05 -45.49
CA ASN A 11 -7.95 14.18 -44.02
C ASN A 11 -6.62 14.50 -43.37
N PRO A 12 -6.56 15.59 -42.60
CA PRO A 12 -5.33 16.03 -41.92
C PRO A 12 -5.00 15.21 -40.67
N THR A 13 -3.70 15.05 -40.42
CA THR A 13 -3.21 14.31 -39.28
C THR A 13 -2.65 15.30 -38.26
N ARG A 14 -3.47 15.65 -37.29
CA ARG A 14 -3.07 16.61 -36.24
C ARG A 14 -2.26 15.93 -35.15
N ILE A 15 -1.10 16.50 -34.85
CA ILE A 15 -0.22 15.95 -33.84
C ILE A 15 0.12 16.98 -32.76
N THR A 16 -0.22 16.66 -31.52
CA THR A 16 0.06 17.55 -30.40
C THR A 16 1.21 16.97 -29.57
N ALA A 17 2.29 17.72 -29.49
CA ALA A 17 3.47 17.32 -28.73
C ALA A 17 4.03 18.54 -27.98
N GLU A 18 3.28 19.03 -27.02
CA GLU A 18 3.68 20.20 -26.23
C GLU A 18 5.07 20.05 -25.62
N PRO A 19 5.90 21.10 -25.70
CA PRO A 19 7.25 21.00 -25.12
C PRO A 19 7.13 20.90 -23.60
N GLY A 20 7.94 20.05 -22.99
CA GLY A 20 7.89 19.89 -21.55
C GLY A 20 6.97 18.76 -21.09
N LYS A 21 6.25 18.14 -22.02
CA LYS A 21 5.35 17.05 -21.68
C LYS A 21 5.89 15.70 -22.18
N GLN A 22 5.57 14.64 -21.46
CA GLN A 22 6.04 13.31 -21.82
C GLN A 22 4.97 12.52 -22.54
N GLU A 23 4.22 13.19 -23.40
CA GLU A 23 3.16 12.53 -24.15
C GLU A 23 3.00 13.13 -25.53
N ILE A 24 2.24 12.44 -26.37
CA ILE A 24 1.96 12.86 -27.73
C ILE A 24 0.56 12.41 -28.09
N ILE A 25 -0.24 13.34 -28.59
CA ILE A 25 -1.60 13.02 -28.98
C ILE A 25 -1.74 13.24 -30.47
N ILE A 26 -2.34 12.27 -31.15
CA ILE A 26 -2.53 12.35 -32.59
C ILE A 26 -3.98 12.08 -32.94
N THR A 27 -4.58 12.96 -33.74
CA THR A 27 -5.95 12.75 -34.14
C THR A 27 -5.97 12.64 -35.65
N ARG A 28 -6.88 11.82 -36.17
CA ARG A 28 -6.96 11.61 -37.60
C ARG A 28 -8.28 10.96 -37.94
N GLU A 29 -8.95 11.48 -38.96
CA GLU A 29 -10.24 10.93 -39.38
C GLU A 29 -10.05 10.04 -40.60
N PHE A 30 -11.01 9.14 -40.80
CA PHE A 30 -10.99 8.21 -41.91
C PHE A 30 -12.37 8.16 -42.53
N ASP A 31 -12.42 7.98 -43.84
CA ASP A 31 -13.69 7.92 -44.55
C ASP A 31 -14.21 6.50 -44.60
N ALA A 32 -14.41 5.92 -43.42
CA ALA A 32 -14.92 4.56 -43.33
C ALA A 32 -15.43 4.35 -41.92
N PRO A 33 -16.35 3.40 -41.71
CA PRO A 33 -16.88 3.14 -40.38
C PRO A 33 -15.78 2.59 -39.48
N ARG A 34 -15.80 2.97 -38.20
CA ARG A 34 -14.79 2.51 -37.27
C ARG A 34 -14.66 0.99 -37.19
N GLU A 35 -15.70 0.29 -37.61
CA GLU A 35 -15.70 -1.17 -37.60
C GLU A 35 -14.61 -1.66 -38.57
N LEU A 36 -14.52 -0.97 -39.71
CA LEU A 36 -13.55 -1.29 -40.74
C LEU A 36 -12.16 -0.84 -40.31
N VAL A 37 -12.07 0.37 -39.75
CA VAL A 37 -10.78 0.87 -39.31
C VAL A 37 -10.24 -0.05 -38.21
N PHE A 38 -11.08 -0.39 -37.23
CA PHE A 38 -10.67 -1.25 -36.14
C PHE A 38 -10.16 -2.57 -36.70
N LYS A 39 -10.85 -3.11 -37.70
CA LYS A 39 -10.42 -4.35 -38.30
C LYS A 39 -9.01 -4.22 -38.90
N ALA A 40 -8.71 -3.09 -39.53
CA ALA A 40 -7.39 -2.86 -40.12
C ALA A 40 -6.31 -2.94 -39.04
N PHE A 41 -6.71 -2.67 -37.79
CA PHE A 41 -5.80 -2.72 -36.64
C PHE A 41 -5.67 -4.10 -36.01
N THR A 42 -6.70 -4.92 -36.13
CA THR A 42 -6.68 -6.24 -35.50
C THR A 42 -6.53 -7.45 -36.41
N ASP A 43 -6.65 -7.26 -37.71
CA ASP A 43 -6.52 -8.37 -38.66
C ASP A 43 -5.07 -8.43 -39.15
N PRO A 44 -4.34 -9.49 -38.77
CA PRO A 44 -2.93 -9.70 -39.14
C PRO A 44 -2.66 -9.39 -40.61
N ASP A 45 -3.45 -9.96 -41.49
CA ASP A 45 -3.26 -9.77 -42.93
C ASP A 45 -3.49 -8.36 -43.43
N LEU A 46 -4.13 -7.53 -42.62
CA LEU A 46 -4.39 -6.15 -43.02
C LEU A 46 -3.38 -5.21 -42.38
N TYR A 47 -3.06 -5.46 -41.12
CA TYR A 47 -2.14 -4.63 -40.36
C TYR A 47 -0.81 -4.37 -41.07
N THR A 48 -0.20 -5.43 -41.59
CA THR A 48 1.08 -5.30 -42.27
C THR A 48 1.04 -4.52 -43.57
N GLN A 49 -0.15 -4.27 -44.10
CA GLN A 49 -0.26 -3.54 -45.36
C GLN A 49 -0.26 -2.02 -45.21
N TRP A 50 -0.41 -1.50 -44.00
CA TRP A 50 -0.40 -0.05 -43.85
C TRP A 50 0.54 0.44 -42.77
N ILE A 51 0.91 -0.44 -41.86
CA ILE A 51 1.78 -0.03 -40.77
C ILE A 51 3.18 0.33 -41.24
N GLY A 52 3.85 1.19 -40.49
CA GLY A 52 5.20 1.58 -40.84
C GLY A 52 5.28 2.61 -41.96
N PRO A 53 6.41 3.34 -42.03
CA PRO A 53 6.62 4.36 -43.05
C PRO A 53 6.77 3.80 -44.46
N ARG A 54 6.48 4.65 -45.44
CA ARG A 54 6.58 4.27 -46.85
C ARG A 54 7.93 3.62 -47.17
N GLY A 55 7.90 2.62 -48.04
CA GLY A 55 9.12 1.94 -48.41
C GLY A 55 9.54 0.87 -47.42
N PHE A 56 8.79 0.72 -46.34
CA PHE A 56 9.10 -0.29 -45.34
C PHE A 56 8.25 -1.55 -45.46
N THR A 57 8.85 -2.66 -45.09
CA THR A 57 8.18 -3.95 -45.12
C THR A 57 8.05 -4.45 -43.69
N THR A 58 6.87 -4.98 -43.35
CA THR A 58 6.62 -5.50 -42.01
C THR A 58 6.21 -6.97 -41.97
N ALA A 59 6.93 -7.76 -41.18
CA ALA A 59 6.66 -9.18 -41.01
C ALA A 59 6.33 -9.43 -39.53
N LEU A 60 5.24 -10.13 -39.25
CA LEU A 60 4.81 -10.41 -37.88
C LEU A 60 5.42 -11.68 -37.28
N LYS A 61 5.77 -11.64 -36.00
CA LYS A 61 6.34 -12.80 -35.29
C LYS A 61 5.31 -13.35 -34.30
N ILE A 62 4.54 -12.45 -33.70
CA ILE A 62 3.47 -12.80 -32.76
C ILE A 62 2.46 -11.68 -32.95
N PHE A 63 1.17 -12.02 -32.95
CA PHE A 63 0.13 -11.00 -33.11
C PHE A 63 -1.15 -11.51 -32.50
N GLU A 64 -1.43 -11.04 -31.28
CA GLU A 64 -2.62 -11.46 -30.54
C GLU A 64 -3.47 -10.26 -30.17
N PRO A 65 -4.39 -9.87 -31.06
CA PRO A 65 -5.26 -8.72 -30.84
C PRO A 65 -6.37 -8.93 -29.83
N LYS A 66 -5.98 -9.23 -28.59
CA LYS A 66 -6.95 -9.45 -27.51
C LYS A 66 -6.32 -9.05 -26.18
N ASN A 67 -7.17 -8.86 -25.17
CA ASN A 67 -6.70 -8.49 -23.84
C ASN A 67 -5.65 -9.51 -23.42
N GLY A 68 -4.52 -9.02 -22.94
CA GLY A 68 -3.47 -9.91 -22.51
C GLY A 68 -2.66 -10.53 -23.63
N GLY A 69 -2.95 -10.16 -24.87
CA GLY A 69 -2.19 -10.74 -25.98
C GLY A 69 -0.88 -10.01 -26.20
N SER A 70 0.11 -10.70 -26.78
CA SER A 70 1.39 -10.07 -27.06
C SER A 70 1.47 -9.85 -28.57
N TRP A 71 2.33 -8.93 -28.98
CA TRP A 71 2.54 -8.71 -30.39
C TRP A 71 4.01 -8.40 -30.59
N GLN A 72 4.50 -8.71 -31.78
CA GLN A 72 5.89 -8.45 -32.11
C GLN A 72 6.11 -8.53 -33.62
N TYR A 73 6.72 -7.50 -34.18
CA TYR A 73 6.98 -7.50 -35.61
C TYR A 73 8.33 -6.88 -35.94
N ILE A 74 8.81 -7.17 -37.15
CA ILE A 74 10.08 -6.67 -37.65
C ILE A 74 9.87 -5.97 -38.99
N GLN A 75 10.36 -4.75 -39.09
CA GLN A 75 10.23 -4.00 -40.33
C GLN A 75 11.57 -3.90 -41.04
N LYS A 76 11.53 -3.85 -42.37
CA LYS A 76 12.75 -3.73 -43.17
C LYS A 76 12.63 -2.50 -44.05
N ASP A 77 13.70 -1.69 -44.07
CA ASP A 77 13.73 -0.49 -44.86
C ASP A 77 14.03 -0.91 -46.31
N PRO A 78 13.84 0.00 -47.28
CA PRO A 78 14.09 -0.34 -48.69
C PRO A 78 15.56 -0.58 -48.99
N GLU A 79 16.27 -1.22 -48.07
CA GLU A 79 17.68 -1.48 -48.25
C GLU A 79 18.11 -2.78 -47.57
N GLY A 80 17.49 -3.09 -46.42
CA GLY A 80 17.84 -4.31 -45.72
C GLY A 80 17.92 -4.17 -44.21
N ASN A 81 17.96 -2.94 -43.73
CA ASN A 81 18.02 -2.66 -42.30
C ASN A 81 16.76 -3.16 -41.61
N GLU A 82 16.90 -3.72 -40.43
CA GLU A 82 15.75 -4.24 -39.68
C GLU A 82 15.46 -3.43 -38.42
N TYR A 83 14.19 -3.33 -38.09
CA TYR A 83 13.72 -2.61 -36.91
C TYR A 83 12.71 -3.52 -36.21
N ALA A 84 13.05 -4.01 -35.03
CA ALA A 84 12.16 -4.90 -34.28
C ALA A 84 11.42 -4.16 -33.16
N PHE A 85 10.15 -4.48 -33.01
CA PHE A 85 9.29 -3.86 -31.99
C PHE A 85 8.40 -4.92 -31.34
N HIS A 86 8.02 -4.71 -30.09
CA HIS A 86 7.11 -5.63 -29.41
C HIS A 86 6.36 -4.93 -28.29
N GLY A 87 5.27 -5.56 -27.86
CA GLY A 87 4.47 -5.01 -26.77
C GLY A 87 3.41 -6.00 -26.36
N VAL A 88 2.54 -5.58 -25.44
CA VAL A 88 1.47 -6.45 -24.96
C VAL A 88 0.22 -5.61 -24.95
N ASN A 89 -0.90 -6.22 -25.33
CA ASN A 89 -2.16 -5.51 -25.36
C ASN A 89 -2.84 -5.56 -24.00
N HIS A 90 -3.08 -4.40 -23.41
CA HIS A 90 -3.77 -4.35 -22.13
C HIS A 90 -5.24 -4.56 -22.40
N ASP A 91 -5.73 -3.90 -23.45
CA ASP A 91 -7.13 -3.99 -23.77
C ASP A 91 -7.40 -3.80 -25.25
N VAL A 92 -8.26 -4.67 -25.77
CA VAL A 92 -8.68 -4.62 -27.14
C VAL A 92 -10.18 -4.81 -27.05
N THR A 93 -10.92 -3.71 -27.24
CA THR A 93 -12.38 -3.74 -27.16
C THR A 93 -12.94 -3.16 -28.46
N GLU A 94 -13.47 -4.04 -29.30
CA GLU A 94 -14.02 -3.66 -30.60
C GLU A 94 -15.38 -2.99 -30.45
N PRO A 95 -15.57 -1.83 -31.09
CA PRO A 95 -14.60 -1.13 -31.94
C PRO A 95 -14.22 0.17 -31.23
N GLU A 96 -14.15 0.07 -29.91
CA GLU A 96 -13.88 1.21 -29.04
C GLU A 96 -12.43 1.67 -28.86
N ARG A 97 -11.55 0.75 -28.50
CA ARG A 97 -10.19 1.15 -28.23
C ARG A 97 -9.20 0.02 -28.15
N ILE A 98 -7.93 0.38 -28.17
CA ILE A 98 -6.87 -0.59 -28.04
C ILE A 98 -5.83 0.08 -27.15
N ILE A 99 -5.42 -0.62 -26.11
CA ILE A 99 -4.41 -0.10 -25.20
C ILE A 99 -3.32 -1.15 -25.10
N SER A 100 -2.09 -0.74 -25.37
CA SER A 100 -0.96 -1.65 -25.29
C SER A 100 0.38 -0.95 -25.11
N THR A 101 1.38 -1.73 -24.72
CA THR A 101 2.72 -1.24 -24.51
C THR A 101 3.42 -1.27 -25.88
N PHE A 102 4.54 -0.58 -26.00
CA PHE A 102 5.28 -0.51 -27.24
C PHE A 102 6.75 -0.32 -26.93
N GLU A 103 7.59 -1.18 -27.49
CA GLU A 103 9.02 -1.05 -27.27
C GLU A 103 9.79 -1.26 -28.58
N PHE A 104 10.73 -0.36 -28.85
CA PHE A 104 11.59 -0.45 -30.03
C PHE A 104 12.85 -1.15 -29.51
N GLU A 105 13.10 -2.35 -30.02
CA GLU A 105 14.26 -3.13 -29.57
C GLU A 105 15.60 -2.62 -30.08
N GLY A 106 15.56 -1.60 -30.93
CA GLY A 106 16.80 -1.06 -31.48
C GLY A 106 17.52 -0.02 -30.63
N LEU A 107 16.95 0.31 -29.48
CA LEU A 107 17.55 1.29 -28.60
C LEU A 107 18.71 0.66 -27.85
N PRO A 108 19.74 1.46 -27.52
CA PRO A 108 20.87 0.90 -26.79
C PRO A 108 20.50 0.47 -25.37
N GLU A 109 19.70 1.28 -24.66
CA GLU A 109 19.31 0.90 -23.32
C GLU A 109 17.90 0.32 -23.26
N LYS A 110 17.73 -0.73 -22.45
CA LYS A 110 16.43 -1.38 -22.32
C LYS A 110 15.59 -0.65 -21.26
N GLY A 111 14.30 -0.95 -21.23
CA GLY A 111 13.44 -0.31 -20.24
C GLY A 111 12.61 0.87 -20.71
N HIS A 112 12.89 1.36 -21.91
CA HIS A 112 12.15 2.50 -22.45
C HIS A 112 10.92 1.94 -23.15
N VAL A 113 9.81 1.99 -22.43
CA VAL A 113 8.54 1.47 -22.90
C VAL A 113 7.50 2.56 -22.93
N ILE A 114 6.65 2.52 -23.95
CA ILE A 114 5.61 3.51 -24.13
C ILE A 114 4.22 2.89 -23.98
N LEU A 115 3.26 3.64 -23.46
CA LEU A 115 1.90 3.14 -23.34
C LEU A 115 1.07 3.84 -24.39
N ASP A 116 0.50 3.07 -25.30
CA ASP A 116 -0.33 3.62 -26.38
C ASP A 116 -1.80 3.35 -26.14
N THR A 117 -2.63 4.34 -26.42
CA THR A 117 -4.06 4.23 -26.27
C THR A 117 -4.68 4.72 -27.58
N ALA A 118 -5.34 3.83 -28.31
CA ALA A 118 -5.97 4.23 -29.55
C ALA A 118 -7.47 4.21 -29.32
N ARG A 119 -8.12 5.34 -29.61
CA ARG A 119 -9.54 5.45 -29.43
C ARG A 119 -10.23 5.63 -30.78
N PHE A 120 -11.27 4.85 -31.01
CA PHE A 120 -12.01 4.91 -32.27
C PHE A 120 -13.43 5.42 -32.04
N GLU A 121 -13.77 6.57 -32.62
CA GLU A 121 -15.12 7.10 -32.44
C GLU A 121 -15.85 7.29 -33.75
N ALA A 122 -17.11 6.85 -33.79
CA ALA A 122 -17.92 6.97 -34.99
C ALA A 122 -18.26 8.43 -35.23
N LEU A 123 -18.35 8.82 -36.50
CA LEU A 123 -18.65 10.20 -36.89
C LEU A 123 -19.85 10.18 -37.83
N PRO A 124 -20.51 11.34 -38.00
CA PRO A 124 -21.66 11.40 -38.90
C PRO A 124 -21.24 11.01 -40.33
N GLY A 125 -22.06 10.18 -40.97
CA GLY A 125 -21.74 9.76 -42.32
C GLY A 125 -20.90 8.50 -42.31
N ASP A 126 -21.08 7.67 -41.28
CA ASP A 126 -20.34 6.42 -41.16
C ASP A 126 -18.85 6.63 -41.29
N ARG A 127 -18.33 7.67 -40.64
CA ARG A 127 -16.90 7.94 -40.70
C ARG A 127 -16.26 7.64 -39.36
N THR A 128 -14.94 7.80 -39.28
CA THR A 128 -14.23 7.50 -38.04
C THR A 128 -13.19 8.54 -37.63
N LYS A 129 -13.07 8.76 -36.33
CA LYS A 129 -12.07 9.67 -35.80
C LYS A 129 -11.18 8.83 -34.88
N LEU A 130 -9.90 8.74 -35.22
CA LEU A 130 -8.94 7.99 -34.42
C LEU A 130 -8.07 8.91 -33.59
N THR A 131 -8.02 8.68 -32.29
CA THR A 131 -7.20 9.48 -31.38
C THR A 131 -6.16 8.58 -30.72
N SER A 132 -4.90 8.72 -31.13
CA SER A 132 -3.81 7.91 -30.57
C SER A 132 -3.11 8.69 -29.49
N HIS A 133 -2.89 8.04 -28.36
CA HIS A 133 -2.27 8.69 -27.22
C HIS A 133 -1.01 7.94 -26.83
N SER A 134 0.13 8.58 -27.01
CA SER A 134 1.42 7.95 -26.67
C SER A 134 2.02 8.60 -25.43
N VAL A 135 2.14 7.83 -24.36
CA VAL A 135 2.71 8.33 -23.13
C VAL A 135 4.09 7.69 -22.94
N PHE A 136 5.13 8.53 -22.88
CA PHE A 136 6.51 8.10 -22.74
C PHE A 136 7.03 8.09 -21.31
N GLN A 137 8.13 7.36 -21.12
CA GLN A 137 8.77 7.25 -19.81
C GLN A 137 9.26 8.61 -19.31
N THR A 138 9.82 9.39 -20.21
CA THR A 138 10.34 10.70 -19.86
C THR A 138 10.17 11.64 -21.02
N ILE A 139 10.28 12.93 -20.76
CA ILE A 139 10.14 13.92 -21.82
C ILE A 139 11.17 13.70 -22.92
N GLU A 140 12.40 13.36 -22.55
CA GLU A 140 13.43 13.13 -23.56
C GLU A 140 13.05 11.97 -24.48
N ASP A 141 12.49 10.90 -23.90
CA ASP A 141 12.06 9.76 -24.70
C ASP A 141 11.02 10.26 -25.71
N ARG A 142 10.11 11.10 -25.24
CA ARG A 142 9.08 11.66 -26.11
C ARG A 142 9.76 12.46 -27.22
N ASP A 143 10.71 13.31 -26.84
CA ASP A 143 11.43 14.14 -27.80
C ASP A 143 12.20 13.29 -28.81
N GLY A 144 12.92 12.28 -28.32
CA GLY A 144 13.67 11.41 -29.20
C GLY A 144 12.81 10.76 -30.27
N MSE A 145 11.58 10.40 -29.90
CA MSE A 145 10.65 9.77 -30.83
C MSE A 145 10.33 10.70 -32.00
O MSE A 145 10.40 10.30 -33.17
CB MSE A 145 9.34 9.41 -30.11
CG MSE A 145 8.26 8.81 -31.00
SE MSE A 145 8.63 6.99 -31.58
CE MSE A 145 7.32 6.07 -30.48
N LEU A 146 10.01 11.95 -31.68
CA LEU A 146 9.69 12.95 -32.67
C LEU A 146 10.88 13.19 -33.61
N GLN A 147 12.06 13.24 -33.02
CA GLN A 147 13.29 13.46 -33.78
C GLN A 147 13.51 12.37 -34.83
N SER A 148 12.96 11.18 -34.55
CA SER A 148 13.08 10.05 -35.45
C SER A 148 12.14 10.15 -36.66
N GLY A 149 11.69 11.36 -36.96
CA GLY A 149 10.80 11.55 -38.09
C GLY A 149 9.51 10.76 -37.93
N MSE A 150 9.07 10.61 -36.70
CA MSE A 150 7.85 9.87 -36.40
C MSE A 150 6.63 10.54 -37.03
O MSE A 150 5.76 9.87 -37.59
CB MSE A 150 7.68 9.74 -34.89
CG MSE A 150 6.29 9.29 -34.45
SE MSE A 150 5.18 10.74 -33.79
CE MSE A 150 5.05 10.15 -31.95
N GLU A 151 6.57 11.85 -36.92
CA GLU A 151 5.46 12.61 -37.47
C GLU A 151 5.30 12.38 -38.97
N GLU A 152 6.40 11.99 -39.61
CA GLU A 152 6.39 11.75 -41.05
C GLU A 152 5.88 10.33 -41.29
N GLY A 153 6.45 9.38 -40.56
CA GLY A 153 6.06 7.99 -40.71
C GLY A 153 4.59 7.76 -40.42
N ILE A 154 4.10 8.40 -39.36
CA ILE A 154 2.70 8.28 -38.97
C ILE A 154 1.80 8.74 -40.13
N ASN A 155 2.18 9.84 -40.76
CA ASN A 155 1.44 10.39 -41.89
C ASN A 155 1.40 9.39 -43.05
N ASP A 156 2.52 8.72 -43.29
CA ASP A 156 2.58 7.75 -44.37
C ASP A 156 1.66 6.59 -44.10
N SER A 157 1.78 6.00 -42.92
CA SER A 157 0.96 4.86 -42.55
C SER A 157 -0.53 5.18 -42.68
N TYR A 158 -0.95 6.32 -42.16
CA TYR A 158 -2.35 6.71 -42.24
C TYR A 158 -2.79 6.85 -43.69
N GLU A 159 -1.88 7.29 -44.55
CA GLU A 159 -2.18 7.43 -45.97
C GLU A 159 -2.32 6.02 -46.56
N ARG A 160 -1.43 5.12 -46.14
CA ARG A 160 -1.48 3.73 -46.60
C ARG A 160 -2.82 3.14 -46.15
N LEU A 161 -3.25 3.52 -44.95
CA LEU A 161 -4.50 3.02 -44.39
C LEU A 161 -5.70 3.53 -45.18
N ASP A 162 -5.62 4.79 -45.63
CA ASP A 162 -6.70 5.37 -46.44
C ASP A 162 -6.90 4.47 -47.66
N GLU A 163 -5.81 4.15 -48.34
CA GLU A 163 -5.87 3.31 -49.54
C GLU A 163 -6.44 1.93 -49.26
N LEU A 164 -6.01 1.34 -48.15
CA LEU A 164 -6.47 0.01 -47.77
C LEU A 164 -7.96 0.06 -47.43
N LEU A 165 -8.39 1.10 -46.71
CA LEU A 165 -9.80 1.22 -46.35
C LEU A 165 -10.67 1.28 -47.60
N GLU A 166 -10.19 1.95 -48.64
CA GLU A 166 -10.97 2.02 -49.88
C GLU A 166 -11.16 0.64 -50.48
N LYS A 167 -10.11 -0.17 -50.44
CA LYS A 167 -10.19 -1.53 -50.98
C LYS A 167 -11.18 -2.34 -50.15
N MSE A 168 -11.13 -2.15 -48.84
CA MSE A 168 -12.04 -2.87 -47.96
C MSE A 168 -13.48 -2.46 -48.23
O MSE A 168 -14.38 -3.29 -48.28
CB MSE A 168 -11.66 -2.63 -46.49
CG MSE A 168 -10.30 -3.18 -46.12
SE MSE A 168 -9.69 -2.57 -44.41
CE MSE A 168 -10.73 -3.78 -43.33
N LYS A 169 -13.71 -1.15 -48.41
CA LYS A 169 -15.05 -0.64 -48.69
C LYS A 169 -15.54 -1.17 -50.04
N LYS A 170 -14.66 -1.20 -51.05
CA LYS A 170 -15.03 -1.70 -52.37
C LYS A 170 -15.47 -3.16 -52.24
N LEU A 171 -14.70 -3.92 -51.48
CA LEU A 171 -14.99 -5.33 -51.28
C LEU A 171 -16.30 -5.48 -50.54
N GLU A 172 -16.62 -4.50 -49.70
CA GLU A 172 -17.84 -4.54 -48.91
C GLU A 172 -19.06 -4.79 -49.80
N HIS A 173 -19.53 -3.74 -50.46
CA HIS A 173 -20.68 -3.85 -51.34
C HIS A 173 -20.36 -3.30 -52.73
N ASN B 11 -17.23 -2.66 30.92
CA ASN B 11 -16.64 -3.82 31.67
C ASN B 11 -16.83 -3.60 33.15
N PRO B 12 -17.44 -4.57 33.85
CA PRO B 12 -17.69 -4.51 35.29
C PRO B 12 -16.46 -4.78 36.14
N THR B 13 -16.40 -4.11 37.28
CA THR B 13 -15.29 -4.27 38.21
C THR B 13 -15.77 -5.06 39.42
N ARG B 14 -15.53 -6.36 39.40
CA ARG B 14 -15.95 -7.24 40.48
C ARG B 14 -14.98 -7.21 41.65
N ILE B 15 -15.51 -6.99 42.85
CA ILE B 15 -14.69 -6.92 44.04
C ILE B 15 -15.16 -7.90 45.10
N THR B 16 -14.26 -8.79 45.51
CA THR B 16 -14.58 -9.77 46.54
C THR B 16 -13.87 -9.41 47.83
N ALA B 17 -14.65 -9.15 48.86
CA ALA B 17 -14.12 -8.79 50.18
C ALA B 17 -14.93 -9.49 51.28
N GLU B 18 -14.83 -10.82 51.31
CA GLU B 18 -15.56 -11.62 52.28
C GLU B 18 -15.34 -11.15 53.73
N PRO B 19 -16.42 -11.07 54.52
CA PRO B 19 -16.26 -10.63 55.91
C PRO B 19 -15.47 -11.67 56.68
N GLY B 20 -14.55 -11.21 57.53
CA GLY B 20 -13.75 -12.15 58.30
C GLY B 20 -12.42 -12.51 57.66
N LYS B 21 -12.21 -12.04 56.44
CA LYS B 21 -10.96 -12.31 55.73
C LYS B 21 -10.08 -11.07 55.64
N GLN B 22 -8.77 -11.28 55.63
CA GLN B 22 -7.83 -10.17 55.56
C GLN B 22 -7.30 -9.97 54.14
N GLU B 23 -8.17 -10.12 53.16
CA GLU B 23 -7.77 -9.95 51.78
C GLU B 23 -8.91 -9.38 50.94
N ILE B 24 -8.57 -8.96 49.74
CA ILE B 24 -9.53 -8.39 48.80
C ILE B 24 -9.10 -8.77 47.39
N ILE B 25 -10.02 -9.33 46.63
CA ILE B 25 -9.73 -9.71 45.26
C ILE B 25 -10.57 -8.87 44.32
N ILE B 26 -9.94 -8.35 43.28
CA ILE B 26 -10.64 -7.52 42.31
C ILE B 26 -10.36 -8.03 40.91
N THR B 27 -11.40 -8.22 40.12
CA THR B 27 -11.21 -8.69 38.75
C THR B 27 -11.78 -7.62 37.84
N ARG B 28 -11.17 -7.44 36.68
CA ARG B 28 -11.63 -6.43 35.75
C ARG B 28 -11.02 -6.70 34.38
N GLU B 29 -11.85 -6.64 33.34
CA GLU B 29 -11.37 -6.86 31.98
C GLU B 29 -11.16 -5.53 31.28
N PHE B 30 -10.32 -5.57 30.23
CA PHE B 30 -10.01 -4.38 29.45
C PHE B 30 -10.04 -4.77 27.98
N ASP B 31 -10.48 -3.83 27.15
CA ASP B 31 -10.56 -4.08 25.71
C ASP B 31 -9.26 -3.72 25.04
N ALA B 32 -8.18 -4.38 25.45
CA ALA B 32 -6.87 -4.14 24.88
C ALA B 32 -5.98 -5.31 25.26
N PRO B 33 -4.92 -5.56 24.47
CA PRO B 33 -4.01 -6.67 24.79
C PRO B 33 -3.28 -6.38 26.09
N ARG B 34 -3.03 -7.43 26.88
CA ARG B 34 -2.36 -7.25 28.16
C ARG B 34 -1.00 -6.56 28.04
N GLU B 35 -0.42 -6.59 26.85
CA GLU B 35 0.87 -5.95 26.60
C GLU B 35 0.71 -4.44 26.81
N LEU B 36 -0.42 -3.92 26.35
CA LEU B 36 -0.74 -2.51 26.47
C LEU B 36 -1.16 -2.19 27.90
N VAL B 37 -1.97 -3.03 28.50
CA VAL B 37 -2.39 -2.79 29.87
C VAL B 37 -1.18 -2.80 30.79
N PHE B 38 -0.30 -3.80 30.62
CA PHE B 38 0.90 -3.94 31.44
C PHE B 38 1.72 -2.67 31.30
N LYS B 39 1.84 -2.16 30.08
CA LYS B 39 2.61 -0.95 29.86
C LYS B 39 2.02 0.24 30.64
N ALA B 40 0.70 0.33 30.71
CA ALA B 40 0.05 1.41 31.45
C ALA B 40 0.47 1.35 32.93
N PHE B 41 0.84 0.14 33.39
CA PHE B 41 1.27 -0.08 34.76
C PHE B 41 2.75 0.18 35.00
N THR B 42 3.57 0.03 33.98
CA THR B 42 5.01 0.19 34.13
C THR B 42 5.65 1.42 33.50
N ASP B 43 4.90 2.16 32.70
CA ASP B 43 5.43 3.35 32.06
C ASP B 43 5.06 4.57 32.91
N PRO B 44 6.07 5.22 33.53
CA PRO B 44 5.88 6.39 34.39
C PRO B 44 4.90 7.42 33.82
N ASP B 45 5.12 7.78 32.56
CA ASP B 45 4.28 8.79 31.92
C ASP B 45 2.85 8.38 31.67
N LEU B 46 2.56 7.08 31.80
CA LEU B 46 1.21 6.60 31.58
C LEU B 46 0.53 6.34 32.93
N TYR B 47 1.29 5.77 33.86
CA TYR B 47 0.76 5.45 35.19
C TYR B 47 0.02 6.60 35.88
N THR B 48 0.63 7.78 35.87
CA THR B 48 0.03 8.94 36.53
C THR B 48 -1.25 9.45 35.86
N GLN B 49 -1.52 9.00 34.64
CA GLN B 49 -2.73 9.46 33.96
C GLN B 49 -3.99 8.69 34.30
N TRP B 50 -3.88 7.55 34.97
CA TRP B 50 -5.10 6.81 35.31
C TRP B 50 -5.18 6.43 36.77
N ILE B 51 -4.04 6.41 37.46
CA ILE B 51 -4.03 6.01 38.85
C ILE B 51 -4.77 7.00 39.74
N GLY B 52 -5.28 6.50 40.86
CA GLY B 52 -5.97 7.36 41.79
C GLY B 52 -7.40 7.71 41.40
N PRO B 53 -8.21 8.11 42.38
CA PRO B 53 -9.61 8.47 42.12
C PRO B 53 -9.78 9.76 41.33
N ARG B 54 -10.92 9.88 40.68
CA ARG B 54 -11.25 11.05 39.86
C ARG B 54 -11.00 12.35 40.63
N GLY B 55 -10.50 13.36 39.94
CA GLY B 55 -10.24 14.64 40.57
C GLY B 55 -8.92 14.68 41.30
N PHE B 56 -8.19 13.58 41.29
CA PHE B 56 -6.90 13.53 41.96
C PHE B 56 -5.73 13.67 41.00
N THR B 57 -4.66 14.27 41.49
CA THR B 57 -3.44 14.46 40.73
C THR B 57 -2.33 13.63 41.37
N THR B 58 -1.55 12.94 40.55
CA THR B 58 -0.45 12.11 41.04
C THR B 58 0.92 12.50 40.48
N ALA B 59 1.87 12.74 41.38
CA ALA B 59 3.23 13.09 41.01
C ALA B 59 4.16 12.01 41.58
N LEU B 60 5.06 11.47 40.74
CA LEU B 60 6.00 10.43 41.16
C LEU B 60 7.30 10.95 41.78
N LYS B 61 7.79 10.26 42.81
CA LYS B 61 9.05 10.63 43.48
C LYS B 61 10.13 9.60 43.13
N ILE B 62 9.72 8.34 43.02
CA ILE B 62 10.61 7.23 42.67
C ILE B 62 9.68 6.27 41.95
N PHE B 63 10.15 5.66 40.86
CA PHE B 63 9.32 4.71 40.11
C PHE B 63 10.24 3.75 39.37
N GLU B 64 10.41 2.55 39.93
CA GLU B 64 11.29 1.54 39.35
C GLU B 64 10.51 0.25 39.10
N PRO B 65 9.89 0.14 37.91
CA PRO B 65 9.10 -1.02 37.54
C PRO B 65 9.91 -2.27 37.21
N LYS B 66 10.68 -2.76 38.18
CA LYS B 66 11.48 -3.95 38.02
C LYS B 66 11.64 -4.66 39.36
N ASN B 67 12.07 -5.93 39.30
CA ASN B 67 12.28 -6.71 40.51
C ASN B 67 13.21 -5.94 41.42
N GLY B 68 12.83 -5.79 42.68
CA GLY B 68 13.67 -5.08 43.62
C GLY B 68 13.59 -3.58 43.51
N GLY B 69 12.75 -3.06 42.60
CA GLY B 69 12.64 -1.62 42.46
C GLY B 69 11.72 -1.01 43.50
N SER B 70 11.93 0.26 43.85
CA SER B 70 11.07 0.93 44.81
C SER B 70 10.18 1.91 44.03
N TRP B 71 9.07 2.30 44.63
CA TRP B 71 8.20 3.28 44.00
C TRP B 71 7.63 4.14 45.11
N GLN B 72 7.29 5.37 44.76
CA GLN B 72 6.73 6.30 45.72
C GLN B 72 6.09 7.48 45.01
N TYR B 73 4.83 7.76 45.32
CA TYR B 73 4.14 8.89 44.70
C TYR B 73 3.26 9.64 45.69
N ILE B 74 2.91 10.86 45.32
CA ILE B 74 2.07 11.72 46.13
C ILE B 74 0.87 12.19 45.30
N GLN B 75 -0.33 12.02 45.83
CA GLN B 75 -1.52 12.44 45.14
C GLN B 75 -2.13 13.68 45.81
N LYS B 76 -2.76 14.54 45.02
CA LYS B 76 -3.40 15.74 45.53
C LYS B 76 -4.87 15.72 45.14
N ASP B 77 -5.73 16.00 46.11
CA ASP B 77 -7.17 16.04 45.89
C ASP B 77 -7.48 17.37 45.21
N PRO B 78 -8.70 17.52 44.66
CA PRO B 78 -9.07 18.76 43.97
C PRO B 78 -9.20 19.95 44.93
N GLU B 79 -8.33 20.02 45.91
CA GLU B 79 -8.36 21.10 46.89
C GLU B 79 -6.97 21.45 47.39
N GLY B 80 -6.11 20.46 47.53
CA GLY B 80 -4.76 20.72 48.00
C GLY B 80 -4.20 19.68 48.95
N ASN B 81 -5.09 18.84 49.49
CA ASN B 81 -4.69 17.79 50.42
C ASN B 81 -3.77 16.80 49.73
N GLU B 82 -2.74 16.33 50.44
CA GLU B 82 -1.80 15.39 49.87
C GLU B 82 -1.90 14.01 50.51
N TYR B 83 -1.66 12.98 49.70
CA TYR B 83 -1.70 11.59 50.14
C TYR B 83 -0.44 10.92 49.58
N ALA B 84 0.48 10.53 50.47
CA ALA B 84 1.72 9.90 50.04
C ALA B 84 1.68 8.37 50.23
N PHE B 85 2.22 7.66 49.25
CA PHE B 85 2.26 6.20 49.27
C PHE B 85 3.61 5.70 48.77
N HIS B 86 4.04 4.54 49.23
CA HIS B 86 5.29 3.95 48.74
C HIS B 86 5.28 2.44 48.93
N GLY B 87 6.19 1.77 48.21
CA GLY B 87 6.30 0.33 48.28
C GLY B 87 7.51 -0.14 47.50
N VAL B 88 7.69 -1.45 47.43
CA VAL B 88 8.82 -2.02 46.72
C VAL B 88 8.26 -3.14 45.87
N ASN B 89 8.79 -3.28 44.66
CA ASN B 89 8.33 -4.33 43.75
C ASN B 89 9.08 -5.61 44.00
N HIS B 90 8.36 -6.67 44.33
CA HIS B 90 8.99 -7.96 44.56
C HIS B 90 9.25 -8.56 43.19
N ASP B 91 8.27 -8.43 42.31
CA ASP B 91 8.39 -9.00 40.99
C ASP B 91 7.60 -8.25 39.94
N VAL B 92 8.25 -8.02 38.81
CA VAL B 92 7.65 -7.36 37.69
C VAL B 92 8.07 -8.23 36.52
N THR B 93 7.11 -9.00 36.01
CA THR B 93 7.38 -9.91 34.88
C THR B 93 6.36 -9.62 33.78
N GLU B 94 6.83 -8.98 32.72
CA GLU B 94 5.99 -8.60 31.59
C GLU B 94 5.66 -9.79 30.71
N PRO B 95 4.38 -9.98 30.39
CA PRO B 95 3.23 -9.15 30.78
C PRO B 95 2.37 -9.98 31.73
N GLU B 96 3.03 -10.78 32.53
CA GLU B 96 2.38 -11.71 33.46
C GLU B 96 1.85 -11.18 34.79
N ARG B 97 2.70 -10.49 35.54
CA ARG B 97 2.27 -10.04 36.83
C ARG B 97 3.18 -9.01 37.48
N ILE B 98 2.67 -8.42 38.55
CA ILE B 98 3.42 -7.45 39.30
C ILE B 98 3.09 -7.73 40.76
N ILE B 99 4.13 -7.88 41.57
CA ILE B 99 3.93 -8.14 42.98
C ILE B 99 4.75 -7.10 43.74
N SER B 100 4.09 -6.37 44.63
CA SER B 100 4.77 -5.35 45.42
C SER B 100 4.05 -5.00 46.69
N THR B 101 4.78 -4.32 47.57
CA THR B 101 4.25 -3.89 48.85
C THR B 101 3.57 -2.53 48.61
N PHE B 102 2.74 -2.10 49.56
CA PHE B 102 2.01 -0.86 49.43
C PHE B 102 1.78 -0.28 50.82
N GLU B 103 2.15 0.98 51.01
CA GLU B 103 1.93 1.61 52.30
C GLU B 103 1.43 3.04 52.12
N PHE B 104 0.39 3.38 52.86
CA PHE B 104 -0.18 4.73 52.84
C PHE B 104 0.49 5.43 54.01
N GLU B 105 1.28 6.46 53.72
CA GLU B 105 2.00 7.18 54.75
C GLU B 105 1.13 8.08 55.61
N GLY B 106 -0.15 8.19 55.27
CA GLY B 106 -1.04 9.06 56.03
C GLY B 106 -1.68 8.44 57.26
N LEU B 107 -1.36 7.18 57.52
CA LEU B 107 -1.92 6.51 58.68
C LEU B 107 -1.18 6.97 59.95
N PRO B 108 -1.89 6.98 61.09
CA PRO B 108 -1.23 7.41 62.32
C PRO B 108 -0.16 6.42 62.80
N GLU B 109 -0.44 5.12 62.70
CA GLU B 109 0.56 4.14 63.11
C GLU B 109 1.30 3.54 61.92
N LYS B 110 2.61 3.35 62.08
CA LYS B 110 3.43 2.77 61.01
C LYS B 110 3.37 1.25 61.09
N GLY B 111 3.83 0.59 60.02
CA GLY B 111 3.84 -0.86 60.02
C GLY B 111 2.70 -1.55 59.29
N HIS B 112 1.69 -0.80 58.90
CA HIS B 112 0.55 -1.37 58.18
C HIS B 112 0.91 -1.38 56.71
N VAL B 113 1.35 -2.55 56.26
CA VAL B 113 1.77 -2.74 54.89
C VAL B 113 0.94 -3.82 54.23
N ILE B 114 0.64 -3.61 52.95
CA ILE B 114 -0.17 -4.55 52.19
C ILE B 114 0.64 -5.20 51.07
N LEU B 115 0.34 -6.44 50.73
CA LEU B 115 1.03 -7.09 49.64
C LEU B 115 0.05 -7.18 48.49
N ASP B 116 0.41 -6.57 47.36
CA ASP B 116 -0.45 -6.58 46.18
C ASP B 116 0.11 -7.50 45.11
N THR B 117 -0.78 -8.23 44.46
CA THR B 117 -0.41 -9.13 43.38
C THR B 117 -1.35 -8.82 42.22
N ALA B 118 -0.80 -8.33 41.12
CA ALA B 118 -1.62 -8.03 39.95
C ALA B 118 -1.29 -9.07 38.89
N ARG B 119 -2.32 -9.75 38.41
CA ARG B 119 -2.14 -10.75 37.39
C ARG B 119 -2.80 -10.33 36.09
N PHE B 120 -2.07 -10.44 34.99
CA PHE B 120 -2.60 -10.06 33.68
C PHE B 120 -2.75 -11.27 32.78
N GLU B 121 -3.97 -11.59 32.37
CA GLU B 121 -4.17 -12.74 31.49
C GLU B 121 -4.82 -12.36 30.18
N ALA B 122 -4.28 -12.90 29.08
CA ALA B 122 -4.81 -12.61 27.76
C ALA B 122 -6.17 -13.30 27.59
N LEU B 123 -7.07 -12.65 26.86
CA LEU B 123 -8.40 -13.18 26.62
C LEU B 123 -8.65 -13.25 25.12
N PRO B 124 -9.65 -14.03 24.69
CA PRO B 124 -9.94 -14.13 23.26
C PRO B 124 -10.31 -12.76 22.70
N GLY B 125 -9.76 -12.43 21.54
CA GLY B 125 -10.03 -11.15 20.94
C GLY B 125 -9.04 -10.10 21.40
N ASP B 126 -7.82 -10.54 21.70
CA ASP B 126 -6.76 -9.64 22.14
C ASP B 126 -7.22 -8.77 23.30
N ARG B 127 -7.92 -9.35 24.26
CA ARG B 127 -8.39 -8.59 25.40
C ARG B 127 -7.61 -8.98 26.65
N THR B 128 -7.90 -8.33 27.77
CA THR B 128 -7.17 -8.62 29.00
C THR B 128 -8.05 -8.73 30.25
N LYS B 129 -7.67 -9.63 31.14
CA LYS B 129 -8.37 -9.80 32.40
C LYS B 129 -7.34 -9.54 33.50
N LEU B 130 -7.60 -8.52 34.31
CA LEU B 130 -6.71 -8.15 35.40
C LEU B 130 -7.27 -8.60 36.74
N THR B 131 -6.48 -9.35 37.50
CA THR B 131 -6.90 -9.84 38.81
C THR B 131 -5.96 -9.27 39.86
N SER B 132 -6.45 -8.32 40.66
CA SER B 132 -5.63 -7.69 41.71
C SER B 132 -5.94 -8.36 43.03
N HIS B 133 -4.88 -8.70 43.74
CA HIS B 133 -5.02 -9.39 45.01
C HIS B 133 -4.36 -8.58 46.11
N SER B 134 -5.17 -8.05 47.03
CA SER B 134 -4.64 -7.26 48.14
C SER B 134 -4.74 -8.01 49.45
N VAL B 135 -3.59 -8.35 50.04
CA VAL B 135 -3.55 -9.05 51.30
C VAL B 135 -3.10 -8.09 52.39
N PHE B 136 -3.96 -7.88 53.38
CA PHE B 136 -3.71 -6.97 54.49
C PHE B 136 -3.13 -7.61 55.74
N GLN B 137 -2.57 -6.79 56.61
CA GLN B 137 -1.97 -7.24 57.85
C GLN B 137 -3.00 -7.89 58.77
N THR B 138 -4.18 -7.29 58.82
CA THR B 138 -5.24 -7.79 59.67
C THR B 138 -6.58 -7.53 59.02
N ILE B 139 -7.60 -8.22 59.48
CA ILE B 139 -8.93 -8.02 58.92
C ILE B 139 -9.38 -6.57 59.05
N GLU B 140 -9.09 -5.94 60.19
CA GLU B 140 -9.49 -4.55 60.39
C GLU B 140 -8.82 -3.64 59.35
N ASP B 141 -7.55 -3.89 59.06
CA ASP B 141 -6.84 -3.11 58.06
C ASP B 141 -7.59 -3.25 56.73
N ARG B 142 -8.00 -4.48 56.41
CA ARG B 142 -8.74 -4.74 55.19
C ARG B 142 -10.04 -3.94 55.22
N ASP B 143 -10.74 -4.02 56.33
CA ASP B 143 -12.01 -3.31 56.50
C ASP B 143 -11.84 -1.80 56.37
N GLY B 144 -10.82 -1.27 57.06
CA GLY B 144 -10.55 0.17 57.00
C GLY B 144 -10.35 0.66 55.58
N MSE B 145 -9.69 -0.15 54.76
CA MSE B 145 -9.42 0.21 53.36
C MSE B 145 -10.72 0.39 52.59
O MSE B 145 -10.91 1.39 51.89
CB MSE B 145 -8.59 -0.89 52.68
CG MSE B 145 -8.32 -0.67 51.20
SE MSE B 145 -7.03 0.74 50.84
CE MSE B 145 -5.54 -0.36 50.28
N LEU B 146 -11.63 -0.57 52.74
CA LEU B 146 -12.93 -0.53 52.07
C LEU B 146 -13.73 0.70 52.51
N GLN B 147 -13.66 0.99 53.81
CA GLN B 147 -14.38 2.13 54.38
C GLN B 147 -13.92 3.44 53.76
N SER B 148 -12.68 3.46 53.27
CA SER B 148 -12.10 4.65 52.65
C SER B 148 -12.59 4.86 51.23
N GLY B 149 -13.74 4.27 50.90
CA GLY B 149 -14.29 4.40 49.57
C GLY B 149 -13.34 3.90 48.50
N MSE B 150 -12.58 2.86 48.84
CA MSE B 150 -11.62 2.27 47.91
C MSE B 150 -12.33 1.67 46.70
O MSE B 150 -11.87 1.83 45.56
CB MSE B 150 -10.81 1.20 48.63
CG MSE B 150 -10.01 0.29 47.70
SE MSE B 150 -10.84 -1.45 47.46
CE MSE B 150 -9.48 -2.51 48.34
N GLU B 151 -13.44 0.99 46.93
CA GLU B 151 -14.19 0.37 45.85
C GLU B 151 -14.65 1.40 44.82
N GLU B 152 -14.76 2.65 45.26
CA GLU B 152 -15.18 3.73 44.36
C GLU B 152 -13.97 4.21 43.58
N GLY B 153 -12.88 4.49 44.30
CA GLY B 153 -11.66 4.96 43.66
C GLY B 153 -11.14 3.99 42.63
N ILE B 154 -11.15 2.71 42.96
CA ILE B 154 -10.66 1.67 42.05
C ILE B 154 -11.47 1.72 40.75
N ASN B 155 -12.78 1.89 40.87
CA ASN B 155 -13.66 1.97 39.71
C ASN B 155 -13.31 3.16 38.83
N ASP B 156 -12.98 4.29 39.48
CA ASP B 156 -12.64 5.48 38.72
C ASP B 156 -11.35 5.27 37.94
N SER B 157 -10.32 4.80 38.64
CA SER B 157 -9.02 4.56 38.00
C SER B 157 -9.14 3.64 36.80
N TYR B 158 -9.86 2.53 36.96
CA TYR B 158 -10.05 1.59 35.86
C TYR B 158 -10.78 2.25 34.69
N GLU B 159 -11.67 3.18 35.00
CA GLU B 159 -12.40 3.90 33.95
C GLU B 159 -11.40 4.83 33.26
N ARG B 160 -10.54 5.47 34.05
CA ARG B 160 -9.53 6.37 33.49
C ARG B 160 -8.61 5.53 32.60
N LEU B 161 -8.33 4.30 33.02
CA LEU B 161 -7.47 3.39 32.27
C LEU B 161 -8.11 3.01 30.95
N ASP B 162 -9.43 2.79 30.96
CA ASP B 162 -10.16 2.46 29.73
C ASP B 162 -9.89 3.55 28.72
N GLU B 163 -10.07 4.80 29.12
CA GLU B 163 -9.86 5.95 28.23
C GLU B 163 -8.43 6.03 27.71
N LEU B 164 -7.46 5.79 28.60
CA LEU B 164 -6.07 5.85 28.22
C LEU B 164 -5.74 4.71 27.25
N LEU B 165 -6.28 3.52 27.50
CA LEU B 165 -6.02 2.39 26.62
C LEU B 165 -6.51 2.70 25.20
N GLU B 166 -7.64 3.39 25.09
CA GLU B 166 -8.15 3.73 23.77
C GLU B 166 -7.18 4.63 23.03
N LYS B 167 -6.61 5.60 23.75
CA LYS B 167 -5.63 6.51 23.13
C LYS B 167 -4.41 5.72 22.70
N MSE B 168 -3.99 4.77 23.53
CA MSE B 168 -2.82 3.96 23.20
C MSE B 168 -3.11 3.11 21.96
O MSE B 168 -2.26 2.99 21.07
CB MSE B 168 -2.44 3.09 24.39
CG MSE B 168 -1.95 3.90 25.58
SE MSE B 168 -1.80 2.82 27.17
CE MSE B 168 -0.09 2.01 26.77
N LYS B 169 -4.31 2.52 21.90
CA LYS B 169 -4.70 1.70 20.75
C LYS B 169 -4.77 2.56 19.49
N LYS B 170 -5.32 3.76 19.59
CA LYS B 170 -5.43 4.66 18.44
C LYS B 170 -4.03 4.95 17.92
N LEU B 171 -3.12 5.24 18.85
CA LEU B 171 -1.75 5.55 18.50
C LEU B 171 -1.09 4.34 17.87
N GLU B 172 -1.54 3.16 18.26
CA GLU B 172 -0.98 1.92 17.74
C GLU B 172 -0.99 1.91 16.22
N HIS B 173 -2.14 1.61 15.63
CA HIS B 173 -2.28 1.58 14.18
C HIS B 173 -3.42 2.47 13.73
N ASN C 11 13.63 3.15 6.87
CA ASN C 11 13.89 3.63 5.48
C ASN C 11 12.73 4.48 5.01
N PRO C 12 13.02 5.73 4.58
CA PRO C 12 11.99 6.67 4.10
C PRO C 12 11.49 6.36 2.69
N THR C 13 10.21 6.65 2.47
CA THR C 13 9.58 6.44 1.18
C THR C 13 9.36 7.79 0.51
N ARG C 14 10.30 8.16 -0.36
CA ARG C 14 10.22 9.44 -1.07
C ARG C 14 9.31 9.37 -2.28
N ILE C 15 8.36 10.30 -2.35
CA ILE C 15 7.41 10.33 -3.46
C ILE C 15 7.42 11.67 -4.17
N THR C 16 7.71 11.63 -5.47
CA THR C 16 7.74 12.84 -6.28
C THR C 16 6.50 12.88 -7.18
N ALA C 17 5.69 13.90 -7.00
CA ALA C 17 4.47 14.08 -7.80
C ALA C 17 4.30 15.57 -8.14
N GLU C 18 5.21 16.08 -8.96
CA GLU C 18 5.19 17.47 -9.37
C GLU C 18 3.84 17.90 -9.94
N PRO C 19 3.33 19.08 -9.53
CA PRO C 19 2.05 19.54 -10.06
C PRO C 19 2.19 19.84 -11.54
N GLY C 20 1.19 19.45 -12.33
CA GLY C 20 1.26 19.70 -13.75
C GLY C 20 1.83 18.55 -14.56
N LYS C 21 2.32 17.51 -13.87
CA LYS C 21 2.89 16.35 -14.54
C LYS C 21 1.97 15.14 -14.43
N GLN C 22 2.00 14.28 -15.43
CA GLN C 22 1.16 13.09 -15.44
C GLN C 22 1.95 11.85 -15.03
N GLU C 23 2.82 12.01 -14.04
CA GLU C 23 3.61 10.89 -13.56
C GLU C 23 3.87 11.01 -12.07
N ILE C 24 4.37 9.92 -11.49
CA ILE C 24 4.69 9.85 -10.08
C ILE C 24 5.90 8.93 -9.92
N ILE C 25 6.92 9.42 -9.22
CA ILE C 25 8.11 8.62 -8.99
C ILE C 25 8.23 8.36 -7.50
N ILE C 26 8.51 7.12 -7.15
CA ILE C 26 8.65 6.73 -5.75
C ILE C 26 9.96 5.98 -5.56
N THR C 27 10.74 6.38 -4.56
CA THR C 27 11.99 5.70 -4.30
C THR C 27 11.91 5.15 -2.89
N ARG C 28 12.52 4.00 -2.66
CA ARG C 28 12.49 3.38 -1.36
C ARG C 28 13.56 2.31 -1.27
N GLU C 29 14.31 2.32 -0.17
CA GLU C 29 15.35 1.33 0.03
C GLU C 29 14.88 0.22 0.95
N PHE C 30 15.54 -0.94 0.85
CA PHE C 30 15.20 -2.09 1.65
C PHE C 30 16.48 -2.70 2.16
N ASP C 31 16.43 -3.26 3.37
CA ASP C 31 17.60 -3.88 3.98
C ASP C 31 17.69 -5.34 3.60
N ALA C 32 17.77 -5.60 2.30
CA ALA C 32 17.88 -6.96 1.80
C ALA C 32 18.36 -6.90 0.36
N PRO C 33 18.99 -7.96 -0.13
CA PRO C 33 19.48 -7.98 -1.51
C PRO C 33 18.30 -7.92 -2.48
N ARG C 34 18.49 -7.23 -3.60
CA ARG C 34 17.43 -7.08 -4.58
C ARG C 34 16.88 -8.42 -5.08
N GLU C 35 17.66 -9.47 -4.92
CA GLU C 35 17.26 -10.80 -5.34
C GLU C 35 16.03 -11.22 -4.51
N LEU C 36 16.09 -10.89 -3.22
CA LEU C 36 15.02 -11.19 -2.28
C LEU C 36 13.84 -10.26 -2.51
N VAL C 37 14.11 -8.98 -2.69
CA VAL C 37 13.04 -8.03 -2.92
C VAL C 37 12.29 -8.40 -4.20
N PHE C 38 13.05 -8.68 -5.27
CA PHE C 38 12.47 -9.03 -6.56
C PHE C 38 11.58 -10.26 -6.37
N LYS C 39 12.05 -11.22 -5.58
CA LYS C 39 11.26 -12.42 -5.34
C LYS C 39 9.91 -12.08 -4.68
N ALA C 40 9.92 -11.13 -3.75
CA ALA C 40 8.70 -10.72 -3.06
C ALA C 40 7.68 -10.18 -4.08
N PHE C 41 8.19 -9.69 -5.21
CA PHE C 41 7.37 -9.15 -6.29
C PHE C 41 6.88 -10.20 -7.28
N THR C 42 7.63 -11.29 -7.44
CA THR C 42 7.25 -12.30 -8.42
C THR C 42 6.75 -13.63 -7.89
N ASP C 43 6.84 -13.85 -6.58
CA ASP C 43 6.37 -15.10 -5.98
C ASP C 43 4.94 -14.89 -5.47
N PRO C 44 3.96 -15.55 -6.11
CA PRO C 44 2.54 -15.45 -5.74
C PRO C 44 2.29 -15.50 -4.24
N ASP C 45 2.87 -16.50 -3.59
CA ASP C 45 2.67 -16.68 -2.16
C ASP C 45 3.28 -15.60 -1.28
N LEU C 46 4.16 -14.78 -1.85
CA LEU C 46 4.78 -13.71 -1.09
C LEU C 46 4.10 -12.39 -1.39
N TYR C 47 3.78 -12.16 -2.66
CA TYR C 47 3.16 -10.93 -3.11
C TYR C 47 1.93 -10.52 -2.31
N THR C 48 1.03 -11.46 -2.08
CA THR C 48 -0.20 -11.17 -1.34
C THR C 48 0.01 -10.82 0.13
N GLN C 49 1.20 -11.10 0.66
CA GLN C 49 1.45 -10.81 2.06
C GLN C 49 1.89 -9.38 2.36
N TRP C 50 2.24 -8.61 1.34
CA TRP C 50 2.63 -7.24 1.60
C TRP C 50 1.92 -6.21 0.75
N ILE C 51 1.35 -6.65 -0.36
CA ILE C 51 0.68 -5.72 -1.25
C ILE C 51 -0.58 -5.13 -0.63
N GLY C 52 -0.94 -3.93 -1.09
CA GLY C 52 -2.13 -3.30 -0.57
C GLY C 52 -1.97 -2.64 0.78
N PRO C 53 -2.85 -1.68 1.10
CA PRO C 53 -2.80 -0.97 2.38
C PRO C 53 -3.17 -1.84 3.58
N ARG C 54 -2.69 -1.42 4.74
CA ARG C 54 -2.95 -2.14 6.00
C ARG C 54 -4.43 -2.45 6.17
N GLY C 55 -4.73 -3.62 6.72
CA GLY C 55 -6.11 -4.01 6.94
C GLY C 55 -6.78 -4.58 5.71
N PHE C 56 -6.05 -4.65 4.59
CA PHE C 56 -6.59 -5.18 3.36
C PHE C 56 -6.14 -6.61 3.08
N THR C 57 -7.01 -7.37 2.44
CA THR C 57 -6.74 -8.74 2.07
C THR C 57 -6.69 -8.83 0.55
N THR C 58 -5.71 -9.55 0.03
CA THR C 58 -5.55 -9.71 -1.42
C THR C 58 -5.57 -11.17 -1.87
N ALA C 59 -6.45 -11.46 -2.84
CA ALA C 59 -6.57 -12.80 -3.40
C ALA C 59 -6.28 -12.70 -4.90
N LEU C 60 -5.41 -13.57 -5.42
CA LEU C 60 -5.03 -13.56 -6.84
C LEU C 60 -5.96 -14.38 -7.73
N LYS C 61 -6.23 -13.87 -8.94
CA LYS C 61 -7.07 -14.57 -9.93
C LYS C 61 -6.19 -15.09 -11.08
N ILE C 62 -5.17 -14.31 -11.43
CA ILE C 62 -4.22 -14.68 -12.48
C ILE C 62 -2.93 -13.99 -12.02
N PHE C 63 -1.80 -14.66 -12.17
CA PHE C 63 -0.53 -14.06 -11.76
C PHE C 63 0.59 -14.72 -12.56
N GLU C 64 1.06 -14.02 -13.60
CA GLU C 64 2.10 -14.54 -14.48
C GLU C 64 3.27 -13.57 -14.53
N PRO C 65 4.22 -13.72 -13.59
CA PRO C 65 5.39 -12.86 -13.51
C PRO C 65 6.44 -13.08 -14.60
N LYS C 66 6.04 -12.89 -15.85
CA LYS C 66 6.93 -13.06 -16.99
C LYS C 66 6.51 -12.13 -18.12
N ASN C 67 7.42 -11.91 -19.07
CA ASN C 67 7.14 -11.07 -20.23
C ASN C 67 5.87 -11.58 -20.88
N GLY C 68 4.93 -10.67 -21.13
CA GLY C 68 3.69 -11.07 -21.77
C GLY C 68 2.69 -11.73 -20.84
N GLY C 69 3.01 -11.83 -19.56
CA GLY C 69 2.10 -12.45 -18.62
C GLY C 69 1.03 -11.48 -18.14
N SER C 70 -0.14 -11.99 -17.77
CA SER C 70 -1.21 -11.15 -17.25
C SER C 70 -1.29 -11.35 -15.74
N TRP C 71 -1.87 -10.38 -15.05
CA TRP C 71 -2.06 -10.51 -13.62
C TRP C 71 -3.39 -9.87 -13.28
N GLN C 72 -3.99 -10.35 -12.21
CA GLN C 72 -5.28 -9.82 -11.77
C GLN C 72 -5.57 -10.26 -10.34
N TYR C 73 -5.88 -9.30 -9.47
CA TYR C 73 -6.19 -9.63 -8.09
C TYR C 73 -7.33 -8.78 -7.54
N ILE C 74 -7.93 -9.25 -6.45
CA ILE C 74 -9.02 -8.57 -5.78
C ILE C 74 -8.67 -8.36 -4.31
N GLN C 75 -8.81 -7.14 -3.83
CA GLN C 75 -8.51 -6.85 -2.44
C GLN C 75 -9.80 -6.57 -1.68
N LYS C 76 -9.81 -6.93 -0.40
CA LYS C 76 -10.98 -6.70 0.46
C LYS C 76 -10.55 -5.84 1.65
N ASP C 77 -11.34 -4.81 1.93
CA ASP C 77 -11.07 -3.92 3.04
C ASP C 77 -11.53 -4.64 4.31
N PRO C 78 -11.14 -4.12 5.49
CA PRO C 78 -11.53 -4.77 6.76
C PRO C 78 -13.02 -4.65 7.04
N GLU C 79 -13.84 -4.77 6.01
CA GLU C 79 -15.29 -4.67 6.17
C GLU C 79 -16.03 -5.56 5.16
N GLY C 80 -15.48 -5.68 3.96
CA GLY C 80 -16.13 -6.51 2.95
C GLY C 80 -16.09 -5.94 1.54
N ASN C 81 -15.77 -4.65 1.43
CA ASN C 81 -15.69 -3.97 0.14
C ASN C 81 -14.58 -4.58 -0.70
N GLU C 82 -14.84 -4.73 -1.99
CA GLU C 82 -13.86 -5.32 -2.90
C GLU C 82 -13.30 -4.31 -3.89
N TYR C 83 -12.03 -4.48 -4.24
CA TYR C 83 -11.33 -3.61 -5.17
C TYR C 83 -10.58 -4.53 -6.14
N ALA C 84 -11.00 -4.54 -7.41
CA ALA C 84 -10.37 -5.40 -8.41
C ALA C 84 -9.41 -4.62 -9.31
N PHE C 85 -8.26 -5.23 -9.61
CA PHE C 85 -7.23 -4.62 -10.45
C PHE C 85 -6.66 -5.66 -11.40
N HIS C 86 -6.16 -5.22 -12.54
CA HIS C 86 -5.53 -6.13 -13.50
C HIS C 86 -4.56 -5.38 -14.40
N GLY C 87 -3.69 -6.14 -15.05
CA GLY C 87 -2.71 -5.55 -15.96
C GLY C 87 -1.96 -6.65 -16.69
N VAL C 88 -0.97 -6.25 -17.49
CA VAL C 88 -0.18 -7.21 -18.24
C VAL C 88 1.27 -6.79 -18.07
N ASN C 89 2.14 -7.78 -17.91
CA ASN C 89 3.56 -7.48 -17.74
C ASN C 89 4.25 -7.33 -19.08
N HIS C 90 4.84 -6.18 -19.32
CA HIS C 90 5.55 -5.96 -20.57
C HIS C 90 6.90 -6.65 -20.43
N ASP C 91 7.51 -6.47 -19.27
CA ASP C 91 8.81 -7.04 -19.04
C ASP C 91 9.07 -7.37 -17.58
N VAL C 92 9.62 -8.55 -17.36
CA VAL C 92 9.98 -9.02 -16.05
C VAL C 92 11.38 -9.59 -16.25
N THR C 93 12.38 -8.84 -15.79
CA THR C 93 13.77 -9.26 -15.93
C THR C 93 14.41 -9.25 -14.56
N GLU C 94 14.64 -10.45 -14.01
CA GLU C 94 15.23 -10.62 -12.69
C GLU C 94 16.72 -10.35 -12.69
N PRO C 95 17.20 -9.53 -11.76
CA PRO C 95 16.45 -8.85 -10.72
C PRO C 95 16.48 -7.36 -11.00
N GLU C 96 16.44 -7.04 -12.29
CA GLU C 96 16.53 -5.68 -12.78
C GLU C 96 15.28 -4.79 -12.77
N ARG C 97 14.19 -5.29 -13.33
CA ARG C 97 13.02 -4.46 -13.42
C ARG C 97 11.74 -5.20 -13.80
N ILE C 98 10.63 -4.51 -13.61
CA ILE C 98 9.34 -5.06 -13.96
C ILE C 98 8.57 -3.91 -14.58
N ILE C 99 8.02 -4.14 -15.76
CA ILE C 99 7.25 -3.13 -16.45
C ILE C 99 5.91 -3.74 -16.79
N SER C 100 4.83 -3.09 -16.38
CA SER C 100 3.49 -3.59 -16.66
C SER C 100 2.43 -2.52 -16.58
N THR C 101 1.26 -2.84 -17.12
CA THR C 101 0.12 -1.95 -17.13
C THR C 101 -0.62 -2.18 -15.81
N PHE C 102 -1.50 -1.25 -15.44
CA PHE C 102 -2.24 -1.34 -14.20
C PHE C 102 -3.58 -0.66 -14.39
N GLU C 103 -4.66 -1.35 -14.06
CA GLU C 103 -5.98 -0.76 -14.17
C GLU C 103 -6.83 -1.11 -12.95
N PHE C 104 -7.50 -0.11 -12.40
CA PHE C 104 -8.39 -0.29 -11.26
C PHE C 104 -9.77 -0.43 -11.89
N GLU C 105 -10.38 -1.60 -11.74
CA GLU C 105 -11.68 -1.86 -12.34
C GLU C 105 -12.84 -1.16 -11.65
N GLY C 106 -12.56 -0.47 -10.54
CA GLY C 106 -13.62 0.21 -9.81
C GLY C 106 -13.96 1.61 -10.30
N LEU C 107 -13.27 2.07 -11.33
CA LEU C 107 -13.54 3.39 -11.88
C LEU C 107 -14.81 3.36 -12.72
N PRO C 108 -15.54 4.48 -12.77
CA PRO C 108 -16.77 4.50 -13.58
C PRO C 108 -16.48 4.41 -15.09
N GLU C 109 -15.45 5.11 -15.55
CA GLU C 109 -15.12 5.04 -16.98
C GLU C 109 -13.94 4.12 -17.25
N LYS C 110 -14.04 3.34 -18.33
CA LYS C 110 -12.96 2.42 -18.70
C LYS C 110 -11.91 3.15 -19.54
N GLY C 111 -10.75 2.53 -19.70
CA GLY C 111 -9.71 3.15 -20.51
C GLY C 111 -8.59 3.86 -19.76
N HIS C 112 -8.78 4.04 -18.46
CA HIS C 112 -7.77 4.72 -17.65
C HIS C 112 -6.78 3.66 -17.19
N VAL C 113 -5.67 3.60 -17.92
CA VAL C 113 -4.63 2.63 -17.66
C VAL C 113 -3.31 3.33 -17.37
N ILE C 114 -2.56 2.76 -16.44
CA ILE C 114 -1.29 3.34 -16.03
C ILE C 114 -0.13 2.42 -16.40
N LEU C 115 1.03 2.98 -16.73
CA LEU C 115 2.19 2.17 -17.04
C LEU C 115 3.14 2.27 -15.87
N ASP C 116 3.44 1.15 -15.25
CA ASP C 116 4.34 1.12 -14.09
C ASP C 116 5.69 0.52 -14.46
N THR C 117 6.75 1.12 -13.96
CA THR C 117 8.10 0.64 -14.19
C THR C 117 8.77 0.56 -12.82
N ALA C 118 9.11 -0.66 -12.40
CA ALA C 118 9.79 -0.83 -11.13
C ALA C 118 11.23 -1.20 -11.40
N ARG C 119 12.15 -0.42 -10.84
CA ARG C 119 13.56 -0.70 -11.04
C ARG C 119 14.20 -1.10 -9.72
N PHE C 120 14.98 -2.17 -9.75
CA PHE C 120 15.65 -2.67 -8.57
C PHE C 120 17.17 -2.55 -8.70
N GLU C 121 17.79 -1.75 -7.84
CA GLU C 121 19.24 -1.60 -7.92
C GLU C 121 19.93 -2.02 -6.63
N ALA C 122 21.02 -2.76 -6.78
CA ALA C 122 21.78 -3.23 -5.63
C ALA C 122 22.51 -2.05 -5.00
N LEU C 123 22.64 -2.08 -3.68
CA LEU C 123 23.32 -1.02 -2.94
C LEU C 123 24.42 -1.64 -2.08
N PRO C 124 25.37 -0.81 -1.61
CA PRO C 124 26.45 -1.34 -0.78
C PRO C 124 25.89 -1.98 0.49
N GLY C 125 26.40 -3.15 0.84
CA GLY C 125 25.92 -3.83 2.02
C GLY C 125 24.76 -4.74 1.69
N ASP C 126 24.75 -5.27 0.47
CA ASP C 126 23.69 -6.17 0.03
C ASP C 126 22.32 -5.58 0.27
N ARG C 127 22.14 -4.31 -0.03
CA ARG C 127 20.85 -3.67 0.17
C ARG C 127 20.20 -3.38 -1.18
N THR C 128 18.99 -2.83 -1.16
CA THR C 128 18.28 -2.56 -2.41
C THR C 128 17.59 -1.21 -2.46
N LYS C 129 17.59 -0.61 -3.64
CA LYS C 129 16.90 0.66 -3.84
C LYS C 129 15.86 0.41 -4.92
N LEU C 130 14.59 0.59 -4.58
CA LEU C 130 13.49 0.39 -5.51
C LEU C 130 12.95 1.72 -6.00
N THR C 131 12.89 1.90 -7.32
CA THR C 131 12.37 3.13 -7.92
C THR C 131 11.14 2.78 -8.77
N SER C 132 9.97 3.15 -8.29
CA SER C 132 8.71 2.87 -9.00
C SER C 132 8.31 4.10 -9.79
N HIS C 133 7.96 3.88 -11.05
CA HIS C 133 7.60 4.96 -11.93
C HIS C 133 6.19 4.75 -12.47
N SER C 134 5.27 5.61 -12.06
CA SER C 134 3.88 5.49 -12.51
C SER C 134 3.53 6.60 -13.48
N VAL C 135 3.25 6.24 -14.73
CA VAL C 135 2.89 7.21 -15.75
C VAL C 135 1.40 7.07 -16.05
N PHE C 136 0.65 8.15 -15.81
CA PHE C 136 -0.79 8.18 -16.01
C PHE C 136 -1.24 8.73 -17.36
N GLN C 137 -2.49 8.43 -17.72
CA GLN C 137 -3.08 8.87 -18.97
C GLN C 137 -3.15 10.40 -19.05
N THR C 138 -3.49 11.02 -17.93
CA THR C 138 -3.62 12.46 -17.88
C THR C 138 -3.23 12.95 -16.50
N ILE C 139 -2.96 14.23 -16.39
CA ILE C 139 -2.59 14.80 -15.10
C ILE C 139 -3.68 14.58 -14.07
N GLU C 140 -4.95 14.71 -14.46
CA GLU C 140 -6.05 14.52 -13.52
C GLU C 140 -6.05 13.08 -13.00
N ASP C 141 -5.78 12.11 -13.87
CA ASP C 141 -5.72 10.72 -13.44
C ASP C 141 -4.64 10.59 -12.39
N ARG C 142 -3.49 11.24 -12.62
CA ARG C 142 -2.39 11.22 -11.67
C ARG C 142 -2.87 11.81 -10.35
N ASP C 143 -3.52 12.97 -10.45
CA ASP C 143 -4.02 13.66 -9.26
C ASP C 143 -5.04 12.81 -8.49
N GLY C 144 -5.99 12.24 -9.22
CA GLY C 144 -7.00 11.41 -8.60
C GLY C 144 -6.40 10.26 -7.80
N MSE C 145 -5.30 9.70 -8.30
CA MSE C 145 -4.63 8.59 -7.62
C MSE C 145 -4.11 9.03 -6.25
O MSE C 145 -4.33 8.34 -5.25
CB MSE C 145 -3.44 8.10 -8.48
CG MSE C 145 -2.61 6.99 -7.83
SE MSE C 145 -3.52 5.27 -7.79
CE MSE C 145 -2.47 4.36 -9.14
N LEU C 146 -3.44 10.17 -6.22
CA LEU C 146 -2.88 10.72 -5.00
C LEU C 146 -3.99 11.01 -3.99
N GLN C 147 -5.10 11.54 -4.48
CA GLN C 147 -6.24 11.88 -3.64
C GLN C 147 -6.80 10.64 -2.94
N SER C 148 -6.60 9.47 -3.56
CA SER C 148 -7.08 8.21 -3.01
C SER C 148 -6.20 7.70 -1.87
N GLY C 149 -5.43 8.60 -1.26
CA GLY C 149 -4.57 8.21 -0.16
C GLY C 149 -3.56 7.16 -0.58
N MSE C 150 -3.13 7.24 -1.84
CA MSE C 150 -2.15 6.30 -2.37
C MSE C 150 -0.82 6.39 -1.65
O MSE C 150 -0.19 5.38 -1.34
CB MSE C 150 -1.96 6.57 -3.87
CG MSE C 150 -0.74 5.89 -4.47
SE MSE C 150 0.75 7.09 -4.74
CE MSE C 150 0.79 7.03 -6.68
N GLU C 151 -0.39 7.62 -1.36
CA GLU C 151 0.87 7.83 -0.68
C GLU C 151 0.89 7.16 0.69
N GLU C 152 -0.29 6.93 1.25
CA GLU C 152 -0.42 6.29 2.55
C GLU C 152 -0.34 4.79 2.36
N GLY C 153 -1.13 4.28 1.42
CA GLY C 153 -1.15 2.85 1.15
C GLY C 153 0.21 2.31 0.74
N ILE C 154 0.91 3.07 -0.11
CA ILE C 154 2.23 2.66 -0.58
C ILE C 154 3.16 2.51 0.62
N ASN C 155 3.08 3.45 1.55
CA ASN C 155 3.91 3.41 2.76
C ASN C 155 3.61 2.17 3.59
N ASP C 156 2.34 1.80 3.68
CA ASP C 156 1.97 0.63 4.44
C ASP C 156 2.54 -0.63 3.81
N SER C 157 2.30 -0.80 2.52
CA SER C 157 2.78 -1.98 1.81
C SER C 157 4.29 -2.14 1.96
N TYR C 158 5.04 -1.06 1.77
CA TYR C 158 6.49 -1.12 1.89
C TYR C 158 6.89 -1.53 3.31
N GLU C 159 6.10 -1.12 4.29
CA GLU C 159 6.37 -1.48 5.68
C GLU C 159 6.09 -2.97 5.83
N ARG C 160 4.99 -3.43 5.23
CA ARG C 160 4.64 -4.85 5.29
C ARG C 160 5.77 -5.63 4.62
N LEU C 161 6.34 -5.07 3.55
CA LEU C 161 7.42 -5.72 2.83
C LEU C 161 8.67 -5.82 3.69
N ASP C 162 8.93 -4.77 4.47
CA ASP C 162 10.09 -4.78 5.36
C ASP C 162 9.99 -6.00 6.26
N GLU C 163 8.83 -6.17 6.88
CA GLU C 163 8.60 -7.30 7.78
C GLU C 163 8.76 -8.65 7.10
N LEU C 164 8.23 -8.75 5.88
CA LEU C 164 8.32 -10.00 5.12
C LEU C 164 9.77 -10.28 4.74
N LEU C 165 10.49 -9.24 4.33
CA LEU C 165 11.91 -9.42 3.96
C LEU C 165 12.70 -9.97 5.14
N GLU C 166 12.38 -9.52 6.35
CA GLU C 166 13.10 -10.02 7.52
C GLU C 166 12.86 -11.51 7.70
N LYS C 167 11.63 -11.95 7.49
CA LYS C 167 11.31 -13.36 7.60
C LYS C 167 12.05 -14.15 6.54
N MSE C 168 12.12 -13.60 5.34
CA MSE C 168 12.83 -14.27 4.25
C MSE C 168 14.32 -14.37 4.56
O MSE C 168 14.95 -15.40 4.34
CB MSE C 168 12.59 -13.52 2.94
CG MSE C 168 11.15 -13.56 2.48
SE MSE C 168 10.80 -12.34 1.04
CE MSE C 168 11.52 -13.42 -0.40
N LYS C 169 14.89 -13.29 5.11
CA LYS C 169 16.31 -13.28 5.46
C LYS C 169 16.57 -14.28 6.58
N LYS C 170 15.68 -14.35 7.57
CA LYS C 170 15.84 -15.29 8.69
C LYS C 170 15.85 -16.71 8.13
N LEU C 171 14.93 -16.98 7.22
CA LEU C 171 14.81 -18.29 6.61
C LEU C 171 16.06 -18.59 5.80
N GLU C 172 16.68 -17.54 5.26
CA GLU C 172 17.88 -17.70 4.45
C GLU C 172 18.94 -18.53 5.18
N HIS C 173 19.66 -17.88 6.10
CA HIS C 173 20.69 -18.55 6.85
C HIS C 173 20.47 -18.37 8.35
#